data_8AXA
#
_entry.id   8AXA
#
_cell.length_a   1.00
_cell.length_b   1.00
_cell.length_c   1.00
_cell.angle_alpha   90.00
_cell.angle_beta   90.00
_cell.angle_gamma   90.00
#
_symmetry.space_group_name_H-M   'P 1'
#
loop_
_entity.id
_entity.type
_entity.pdbx_description
1 polymer Cas12k
2 polymer sgRNA
3 polymer 'DNA target strand'
4 polymer 'DNA non-target strand'
5 water water
#
loop_
_entity_poly.entity_id
_entity_poly.type
_entity_poly.pdbx_seq_one_letter_code
_entity_poly.pdbx_strand_id
1 'polypeptide(L)'
;MSQITIQARLISFESNRQQLWKLMADLNTPLINELLCQLGQHPDFEKWQQKGKLPSTVVSQLCQPLKTDPRFAGQPSRLY
MSAIHIVDYIYKSWLAIQKRLQQQLDGKTRWLEMLNSDAELVELSGDTLEAIRVKAAEILAIAMPASESDSASPKGKKGK
KEKKPSSSSPKRSLSKTLFDAYQETEDIKSRSAISYLLKNGCKLTDKEEDSEKFAKRRRQVEIQIQRLTEKLISRMPKGR
DLTNAKWLETLLTATTTVAEDNAQAKRWQDILLTRSSSLPFPLVFETNEDMVWSKNQKGRLCVHFNGLSDLIFEVYCGNR
QLHWFQRFLEDQQTKRKSKNQHSSGLFTLRNGHLVWLEGEGKGEPWNLHHLTLYCCVDNRLWTEEGTEIVRQEKADEITK
FITNMKKKSDLSDTQQALIQRKQSTLTRINNSFERPSQPLYQGQSHILVGVSLGLEKPATVAVVDAIANKVLAYRSIKQL
LGDNYELLNRQRRQQQYLSHERHKAQKNFSPNQFGASELGQHIDRLLAKAIVALARTYKAGSIVLPKLGDMREVVQSEIQ
AIAEQKFPGYIEGQQKYAKQYRVNVHRWSYGRLIQSIQSKAAQTGIVIEEGKQPIRGSPHDKAKELALSAYNLRLTRRSG
SEFELENLYFQ
;
A
2 'polyribonucleotide'
;GGAUAUUAAUAGCGCCGCAAUUCAUGCUGCUUGCAGCCUCUGAAUUUUGUUAAAUGAGGGUUAGUUUGACUGUAUAAAUA
CAGUCUUGCUUUCUGACCCUGGUAGCUGCUCACCCUGAUGCUGCUGUCAAUAGACAGGAUAGGUGCGCUCCCAGCAAUAA
GGGCGCGGAUGUACUGCUGUAGUGGCUACUGAAUCACCCCCGAUCAAGGGGGAACCCUCCAAAAGGUGGGUUGAAAGGAG
AAGUCAUUUAAUAAGGCCACU
;
B
3 'polydeoxyribonucleotide'
;(DC)(DT)(DA)(DG)(DA)(DA)(DA)(DG)(DA)(DC)(DT)(DT)(DT)(DT)(DA)(DA)(DC)(DA)(DG)(DT)
(DG)(DG)(DC)(DC)(DT)(DT)(DA)(DT)(DT)(DA)(DA)(DA)(DT)(DG)(DA)(DC)(DT)(DT)(DC)(DT)
(DC)(DA)(DA)(DC)(DC)(DA)(DT)(DC)(DT)(DT)(DG)(DC)(DT)(DG)(DA)
;
C
4 'polydeoxyribonucleotide'
;(DT)(DC)(DA)(DG)(DC)(DA)(DA)(DG)(DA)(DT)(DG)(DG)(DT)(DT)(DG)(DA)(DG)(DA)(DA)(DG)
(DT)(DC)(DA)(DT)(DT)(DT)(DA)(DA)(DT)(DA)(DA)(DG)(DG)(DC)(DC)(DA)(DC)(DT)(DG)(DT)
(DT)(DA)(DA)(DA)(DA)(DG)(DT)(DC)(DT)(DT)(DT)(DC)(DT)(DA)(DG)
;
D
#
# COMPACT_ATOMS: atom_id res chain seq x y z
N SER A 2 -5.62 5.71 -0.56
CA SER A 2 -4.59 6.26 0.32
C SER A 2 -4.24 5.26 1.42
N GLN A 3 -5.20 4.41 1.75
CA GLN A 3 -5.00 3.34 2.72
C GLN A 3 -5.39 1.98 2.17
N ILE A 4 -6.43 1.91 1.34
CA ILE A 4 -6.90 0.68 0.73
C ILE A 4 -7.07 0.92 -0.76
N THR A 5 -6.88 -0.13 -1.56
CA THR A 5 -7.06 -0.05 -2.99
C THR A 5 -7.98 -1.15 -3.45
N ILE A 6 -8.97 -0.79 -4.27
CA ILE A 6 -9.90 -1.74 -4.85
C ILE A 6 -9.72 -1.70 -6.37
N GLN A 7 -10.32 -2.67 -7.05
CA GLN A 7 -10.11 -2.76 -8.49
C GLN A 7 -11.34 -3.35 -9.16
N ALA A 8 -11.45 -3.09 -10.46
CA ALA A 8 -12.55 -3.62 -11.25
C ALA A 8 -12.18 -3.57 -12.73
N ARG A 9 -12.58 -4.60 -13.47
CA ARG A 9 -12.35 -4.60 -14.90
C ARG A 9 -13.28 -3.60 -15.58
N LEU A 10 -12.86 -3.10 -16.73
CA LEU A 10 -13.65 -2.15 -17.50
C LEU A 10 -13.94 -2.73 -18.87
N ILE A 11 -15.22 -2.83 -19.22
CA ILE A 11 -15.66 -3.47 -20.46
C ILE A 11 -16.45 -2.44 -21.25
N SER A 12 -16.12 -2.29 -22.53
CA SER A 12 -16.70 -1.19 -23.30
C SER A 12 -16.66 -1.53 -24.78
N PHE A 13 -17.05 -0.54 -25.59
CA PHE A 13 -17.03 -0.64 -27.04
C PHE A 13 -15.65 -1.03 -27.54
N GLU A 14 -15.60 -1.67 -28.71
CA GLU A 14 -14.31 -1.94 -29.33
C GLU A 14 -13.66 -0.66 -29.82
N SER A 15 -14.44 0.26 -30.39
CA SER A 15 -13.86 1.52 -30.85
C SER A 15 -13.26 2.30 -29.70
N ASN A 16 -13.94 2.33 -28.55
CA ASN A 16 -13.40 3.00 -27.38
C ASN A 16 -12.08 2.37 -26.94
N ARG A 17 -12.02 1.03 -26.89
CA ARG A 17 -10.80 0.36 -26.47
C ARG A 17 -9.66 0.63 -27.44
N GLN A 18 -9.94 0.56 -28.75
CA GLN A 18 -8.91 0.82 -29.75
C GLN A 18 -8.41 2.25 -29.66
N GLN A 19 -9.31 3.22 -29.50
CA GLN A 19 -8.92 4.61 -29.39
C GLN A 19 -8.07 4.85 -28.14
N LEU A 20 -8.48 4.27 -27.00
CA LEU A 20 -7.71 4.45 -25.78
C LEU A 20 -6.34 3.80 -25.89
N TRP A 21 -6.24 2.64 -26.54
CA TRP A 21 -4.95 2.00 -26.68
C TRP A 21 -4.04 2.79 -27.62
N LYS A 22 -4.56 3.18 -28.78
CA LYS A 22 -3.77 4.01 -29.70
C LYS A 22 -3.41 5.34 -29.07
N LEU A 23 -4.14 5.79 -28.06
CA LEU A 23 -3.74 6.99 -27.36
C LEU A 23 -2.70 6.70 -26.30
N MET A 24 -2.74 5.51 -25.70
CA MET A 24 -1.79 5.16 -24.65
C MET A 24 -0.44 4.74 -25.24
N ALA A 25 -0.41 3.64 -25.99
CA ALA A 25 0.84 3.04 -26.43
C ALA A 25 1.50 3.79 -27.57
N ASP A 26 0.80 4.73 -28.22
CA ASP A 26 1.37 5.49 -29.32
C ASP A 26 1.61 6.96 -28.99
N LEU A 27 0.98 7.49 -27.96
CA LEU A 27 1.06 8.92 -27.67
C LEU A 27 1.46 9.17 -26.23
N ASN A 28 1.10 8.25 -25.33
CA ASN A 28 1.40 8.44 -23.91
C ASN A 28 2.72 7.80 -23.52
N THR A 29 2.84 6.48 -23.67
CA THR A 29 4.07 5.81 -23.26
C THR A 29 5.32 6.35 -23.93
N PRO A 30 5.33 6.71 -25.22
CA PRO A 30 6.50 7.46 -25.72
C PRO A 30 6.73 8.76 -24.98
N LEU A 31 5.66 9.43 -24.56
CA LEU A 31 5.82 10.67 -23.81
C LEU A 31 6.48 10.42 -22.47
N ILE A 32 6.04 9.40 -21.73
CA ILE A 32 6.69 9.08 -20.46
C ILE A 32 8.14 8.70 -20.68
N ASN A 33 8.42 7.89 -21.71
CA ASN A 33 9.79 7.47 -21.96
C ASN A 33 10.68 8.66 -22.28
N GLU A 34 10.20 9.58 -23.12
CA GLU A 34 11.00 10.75 -23.44
C GLU A 34 11.17 11.65 -22.22
N LEU A 35 10.15 11.76 -21.38
CA LEU A 35 10.29 12.54 -20.16
C LEU A 35 11.36 11.96 -19.26
N LEU A 36 11.36 10.63 -19.09
CA LEU A 36 12.40 9.99 -18.29
C LEU A 36 13.78 10.23 -18.91
N CYS A 37 13.88 10.08 -20.23
CA CYS A 37 15.17 10.24 -20.91
C CYS A 37 15.70 11.67 -20.77
N GLN A 38 14.82 12.66 -20.94
CA GLN A 38 15.25 14.05 -20.85
C GLN A 38 15.57 14.45 -19.42
N LEU A 39 14.82 13.91 -18.46
CA LEU A 39 15.17 14.13 -17.06
C LEU A 39 16.55 13.55 -16.75
N GLY A 40 16.84 12.35 -17.25
CA GLY A 40 18.16 11.77 -17.04
C GLY A 40 19.26 12.57 -17.69
N GLN A 41 19.05 13.00 -18.94
CA GLN A 41 20.04 13.78 -19.66
C GLN A 41 20.21 15.18 -19.09
N HIS A 42 19.18 15.70 -18.42
CA HIS A 42 19.21 17.07 -17.94
C HIS A 42 20.37 17.28 -16.96
N PRO A 43 21.05 18.43 -17.01
CA PRO A 43 22.13 18.69 -16.06
C PRO A 43 21.61 18.88 -14.64
N ASP A 44 22.50 19.21 -13.72
CA ASP A 44 22.21 19.33 -12.29
C ASP A 44 21.76 18.01 -11.68
N PHE A 45 21.85 16.92 -12.44
CA PHE A 45 21.50 15.60 -11.91
C PHE A 45 22.39 15.22 -10.73
N GLU A 46 23.68 15.52 -10.83
CA GLU A 46 24.59 15.24 -9.73
C GLU A 46 24.21 16.06 -8.50
N LYS A 47 23.85 17.33 -8.69
CA LYS A 47 23.42 18.15 -7.57
C LYS A 47 22.14 17.61 -6.96
N TRP A 48 21.19 17.18 -7.79
CA TRP A 48 19.93 16.64 -7.29
C TRP A 48 20.17 15.38 -6.47
N GLN A 49 20.92 14.43 -7.03
CA GLN A 49 21.15 13.16 -6.33
C GLN A 49 21.97 13.36 -5.07
N GLN A 50 23.00 14.21 -5.13
CA GLN A 50 23.82 14.46 -3.96
C GLN A 50 23.02 15.15 -2.86
N LYS A 51 22.23 16.17 -3.23
CA LYS A 51 21.39 16.84 -2.26
C LYS A 51 20.24 15.97 -1.79
N GLY A 52 19.82 15.00 -2.59
CA GLY A 52 18.67 14.18 -2.26
C GLY A 52 17.38 14.84 -2.68
N LYS A 53 16.35 14.03 -2.91
CA LYS A 53 15.05 14.53 -3.38
C LYS A 53 15.28 15.28 -4.69
N LEU A 54 14.45 16.27 -4.98
CA LEU A 54 14.58 17.09 -6.19
C LEU A 54 13.59 18.25 -6.09
N PRO A 55 13.80 19.31 -6.87
CA PRO A 55 12.82 20.40 -6.88
C PRO A 55 11.46 19.91 -7.35
N SER A 56 10.41 20.53 -6.82
CA SER A 56 9.06 20.00 -6.98
C SER A 56 8.62 19.99 -8.45
N THR A 57 8.91 21.06 -9.19
CA THR A 57 8.33 21.21 -10.51
C THR A 57 9.38 21.21 -11.62
N VAL A 58 10.34 20.30 -11.57
CA VAL A 58 11.33 20.23 -12.63
C VAL A 58 10.85 19.40 -13.82
N VAL A 59 9.96 18.43 -13.59
CA VAL A 59 9.37 17.72 -14.71
C VAL A 59 8.38 18.62 -15.45
N SER A 60 7.57 19.38 -14.71
CA SER A 60 6.67 20.33 -15.35
C SER A 60 7.45 21.44 -16.05
N GLN A 61 8.62 21.78 -15.53
CA GLN A 61 9.47 22.76 -16.19
C GLN A 61 10.33 22.15 -17.29
N LEU A 62 10.41 20.82 -17.37
CA LEU A 62 10.92 20.15 -18.54
C LEU A 62 9.80 19.84 -19.54
N CYS A 63 8.57 20.21 -19.21
CA CYS A 63 7.54 20.38 -20.22
C CYS A 63 7.74 21.65 -21.04
N GLN A 64 8.64 22.54 -20.62
CA GLN A 64 9.00 23.78 -21.32
C GLN A 64 9.52 23.52 -22.73
N PRO A 65 10.07 22.33 -23.02
CA PRO A 65 10.31 21.98 -24.44
C PRO A 65 9.03 21.74 -25.21
N LEU A 66 7.89 22.17 -24.65
CA LEU A 66 6.63 22.22 -25.38
C LEU A 66 6.17 20.82 -25.79
N LYS A 67 5.74 20.07 -24.78
CA LYS A 67 5.13 18.76 -24.94
C LYS A 67 4.26 18.70 -26.19
N THR A 68 3.55 19.78 -26.48
CA THR A 68 2.75 19.86 -27.70
C THR A 68 3.66 20.00 -28.92
N ASP A 69 4.47 18.99 -29.17
CA ASP A 69 5.27 18.68 -30.34
C ASP A 69 4.42 17.87 -31.33
N PRO A 70 4.77 17.82 -32.62
CA PRO A 70 3.93 17.08 -33.56
C PRO A 70 3.70 15.62 -33.17
N ARG A 71 4.66 14.99 -32.50
CA ARG A 71 4.48 13.60 -32.10
C ARG A 71 3.49 13.43 -30.95
N PHE A 72 3.19 14.50 -30.21
CA PHE A 72 2.33 14.38 -29.04
C PHE A 72 1.09 15.26 -29.18
N ALA A 73 0.43 15.21 -30.33
CA ALA A 73 -0.79 15.96 -30.58
C ALA A 73 -2.00 15.05 -30.47
N GLY A 74 -3.06 15.56 -29.85
CA GLY A 74 -4.27 14.78 -29.66
C GLY A 74 -4.28 14.04 -28.34
N GLN A 75 -4.06 14.77 -27.24
CA GLN A 75 -4.00 14.17 -25.93
C GLN A 75 -4.71 15.08 -24.93
N PRO A 76 -5.61 14.54 -24.12
CA PRO A 76 -6.22 15.34 -23.05
C PRO A 76 -5.19 15.77 -22.01
N SER A 77 -5.44 16.94 -21.41
CA SER A 77 -4.48 17.53 -20.48
C SER A 77 -4.26 16.64 -19.27
N ARG A 78 -5.31 15.97 -18.79
CA ARG A 78 -5.17 15.10 -17.64
C ARG A 78 -4.21 13.95 -17.93
N LEU A 79 -4.09 13.55 -19.19
CA LEU A 79 -3.12 12.51 -19.54
C LEU A 79 -1.70 13.04 -19.56
N TYR A 80 -1.51 14.30 -19.95
CA TYR A 80 -0.21 14.95 -19.76
C TYR A 80 0.15 14.98 -18.29
N MET A 81 -0.81 15.35 -17.44
CA MET A 81 -0.56 15.35 -16.01
C MET A 81 -0.27 13.95 -15.50
N SER A 82 -0.91 12.93 -16.08
CA SER A 82 -0.62 11.55 -15.71
C SER A 82 0.83 11.19 -16.01
N ALA A 83 1.30 11.56 -17.21
CA ALA A 83 2.70 11.33 -17.55
C ALA A 83 3.64 12.04 -16.57
N ILE A 84 3.31 13.29 -16.25
CA ILE A 84 4.11 14.05 -15.29
C ILE A 84 4.14 13.35 -13.94
N HIS A 85 2.97 12.89 -13.47
CA HIS A 85 2.89 12.20 -12.19
C HIS A 85 3.80 10.98 -12.17
N ILE A 86 3.68 10.13 -13.19
CA ILE A 86 4.44 8.89 -13.21
C ILE A 86 5.94 9.18 -13.23
N VAL A 87 6.36 10.12 -14.08
CA VAL A 87 7.79 10.40 -14.20
C VAL A 87 8.32 10.98 -12.89
N ASP A 88 7.59 11.90 -12.28
CA ASP A 88 8.06 12.50 -11.04
C ASP A 88 8.13 11.47 -9.92
N TYR A 89 7.14 10.58 -9.82
CA TYR A 89 7.19 9.53 -8.80
C TYR A 89 8.39 8.64 -9.02
N ILE A 90 8.65 8.25 -10.27
CA ILE A 90 9.77 7.36 -10.58
C ILE A 90 11.08 8.01 -10.14
N TYR A 91 11.30 9.26 -10.54
CA TYR A 91 12.57 9.90 -10.23
C TYR A 91 12.69 10.21 -8.74
N LYS A 92 11.56 10.53 -8.08
CA LYS A 92 11.58 10.75 -6.64
C LYS A 92 12.01 9.50 -5.90
N SER A 93 11.37 8.37 -6.21
CA SER A 93 11.71 7.12 -5.56
C SER A 93 13.15 6.73 -5.84
N TRP A 94 13.60 6.89 -7.09
CA TRP A 94 14.96 6.50 -7.45
C TRP A 94 15.98 7.38 -6.73
N LEU A 95 15.75 8.69 -6.66
CA LEU A 95 16.71 9.57 -6.01
C LEU A 95 16.69 9.39 -4.50
N ALA A 96 15.57 8.93 -3.93
CA ALA A 96 15.57 8.60 -2.52
C ALA A 96 16.27 7.27 -2.24
N ILE A 97 16.16 6.31 -3.16
CA ILE A 97 16.73 4.98 -2.93
C ILE A 97 18.25 5.06 -2.82
N GLN A 98 18.89 5.82 -3.71
CA GLN A 98 20.35 5.88 -3.79
C GLN A 98 20.98 6.71 -2.68
N LYS A 99 20.17 7.32 -1.81
CA LYS A 99 20.68 8.09 -0.69
C LYS A 99 21.59 9.23 -1.13
N ILE A 271 21.30 8.43 -13.52
CA ILE A 271 21.44 7.24 -14.36
C ILE A 271 20.10 6.94 -15.02
N LEU A 272 20.15 6.74 -16.33
CA LEU A 272 18.93 6.56 -17.12
C LEU A 272 18.13 5.37 -16.61
N LEU A 273 16.83 5.58 -16.43
CA LEU A 273 15.88 4.53 -16.08
C LEU A 273 14.88 4.35 -17.20
N THR A 274 14.33 3.14 -17.28
CA THR A 274 13.41 2.79 -18.36
C THR A 274 12.11 2.23 -17.79
N ARG A 275 11.24 1.72 -18.67
CA ARG A 275 10.03 1.03 -18.25
C ARG A 275 10.34 -0.45 -18.04
N SER A 276 9.96 -0.96 -16.87
CA SER A 276 10.23 -2.37 -16.53
C SER A 276 9.07 -3.26 -16.92
N SER A 277 8.62 -3.16 -18.17
CA SER A 277 7.52 -3.96 -18.68
C SER A 277 7.42 -3.72 -20.19
N SER A 278 6.44 -4.36 -20.82
CA SER A 278 6.15 -4.14 -22.23
C SER A 278 4.78 -3.52 -22.47
N LEU A 279 3.92 -3.51 -21.46
CA LEU A 279 2.59 -2.95 -21.59
C LEU A 279 2.62 -1.44 -21.39
N PRO A 280 1.63 -0.71 -21.93
CA PRO A 280 1.63 0.75 -21.80
C PRO A 280 1.57 1.20 -20.36
N PHE A 281 2.18 2.34 -20.10
CA PHE A 281 2.20 2.89 -18.75
C PHE A 281 0.78 3.23 -18.30
N PRO A 282 0.46 3.02 -17.03
CA PRO A 282 -0.90 3.31 -16.54
C PRO A 282 -1.22 4.80 -16.63
N LEU A 283 -2.48 5.11 -16.32
CA LEU A 283 -2.95 6.48 -16.23
C LEU A 283 -3.25 6.81 -14.79
N VAL A 284 -2.70 7.91 -14.29
CA VAL A 284 -2.80 8.31 -12.90
C VAL A 284 -3.69 9.53 -12.80
N PHE A 285 -4.68 9.48 -11.91
CA PHE A 285 -5.56 10.60 -11.63
C PHE A 285 -5.33 11.00 -10.17
N GLU A 286 -4.34 11.86 -9.94
CA GLU A 286 -4.07 12.35 -8.59
C GLU A 286 -5.25 13.17 -8.05
N THR A 287 -6.09 13.69 -8.93
CA THR A 287 -7.30 14.38 -8.52
C THR A 287 -8.40 13.39 -8.18
N ASN A 288 -9.34 13.82 -7.35
CA ASN A 288 -10.50 13.00 -7.04
C ASN A 288 -11.33 12.72 -8.29
N GLU A 289 -11.69 13.76 -9.03
CA GLU A 289 -12.55 13.64 -10.20
C GLU A 289 -11.74 13.17 -11.40
N ASP A 290 -12.30 13.35 -12.60
CA ASP A 290 -11.89 12.78 -13.89
C ASP A 290 -12.41 11.35 -14.03
N MET A 291 -13.28 10.91 -13.12
CA MET A 291 -13.89 9.60 -13.14
C MET A 291 -15.41 9.72 -13.01
N VAL A 292 -16.00 10.60 -13.82
CA VAL A 292 -17.44 10.82 -13.77
C VAL A 292 -18.18 9.51 -14.01
N TRP A 293 -19.06 9.16 -13.08
CA TRP A 293 -19.79 7.91 -13.14
C TRP A 293 -21.15 8.10 -13.80
N SER A 294 -21.93 7.03 -13.85
CA SER A 294 -23.25 7.01 -14.44
C SER A 294 -23.91 5.68 -14.08
N LYS A 295 -25.11 5.46 -14.62
CA LYS A 295 -25.80 4.19 -14.45
C LYS A 295 -26.69 4.01 -15.67
N ASN A 296 -26.27 3.17 -16.60
CA ASN A 296 -26.96 3.03 -17.88
C ASN A 296 -28.31 2.35 -17.69
N GLN A 297 -28.99 2.10 -18.82
CA GLN A 297 -30.34 1.54 -18.78
C GLN A 297 -30.36 0.19 -18.08
N LYS A 298 -29.29 -0.59 -18.19
CA LYS A 298 -29.25 -1.91 -17.58
C LYS A 298 -28.92 -1.87 -16.11
N GLY A 299 -28.49 -0.72 -15.57
CA GLY A 299 -28.18 -0.57 -14.17
C GLY A 299 -26.70 -0.62 -13.83
N ARG A 300 -25.84 -0.91 -14.81
CA ARG A 300 -24.42 -0.99 -14.54
C ARG A 300 -23.87 0.38 -14.20
N LEU A 301 -22.89 0.40 -13.28
CA LEU A 301 -22.29 1.64 -12.83
C LEU A 301 -21.13 1.96 -13.76
N CYS A 302 -21.43 2.64 -14.87
CA CYS A 302 -20.45 2.96 -15.89
C CYS A 302 -19.55 4.11 -15.42
N VAL A 303 -18.48 4.35 -16.16
CA VAL A 303 -17.54 5.42 -15.84
C VAL A 303 -16.83 5.86 -17.13
N HIS A 304 -16.64 7.17 -17.27
CA HIS A 304 -15.83 7.76 -18.31
C HIS A 304 -14.78 8.65 -17.66
N PHE A 305 -13.96 9.30 -18.47
CA PHE A 305 -12.81 10.03 -17.95
C PHE A 305 -12.76 11.43 -18.54
N ASN A 306 -12.10 12.33 -17.80
CA ASN A 306 -11.94 13.70 -18.23
C ASN A 306 -11.20 13.77 -19.56
N GLY A 307 -11.73 14.55 -20.49
CA GLY A 307 -11.15 14.63 -21.81
C GLY A 307 -11.57 13.47 -22.68
N LEU A 308 -11.88 12.34 -22.05
CA LEU A 308 -12.33 11.13 -22.74
C LEU A 308 -13.80 10.86 -22.46
N SER A 309 -14.60 11.93 -22.37
CA SER A 309 -16.02 11.78 -22.06
C SER A 309 -16.74 10.96 -23.11
N ASP A 310 -16.23 10.93 -24.34
CA ASP A 310 -16.81 10.08 -25.36
C ASP A 310 -16.56 8.61 -25.08
N LEU A 311 -15.59 8.29 -24.21
CA LEU A 311 -15.22 6.91 -23.93
C LEU A 311 -16.01 6.41 -22.73
N ILE A 312 -17.17 5.83 -23.00
CA ILE A 312 -18.02 5.28 -21.95
C ILE A 312 -17.66 3.81 -21.75
N PHE A 313 -17.22 3.47 -20.54
CA PHE A 313 -16.85 2.13 -20.17
C PHE A 313 -18.00 1.51 -19.37
N GLU A 314 -17.75 0.33 -18.81
CA GLU A 314 -18.68 -0.31 -17.88
C GLU A 314 -17.87 -1.02 -16.82
N VAL A 315 -18.22 -0.78 -15.55
CA VAL A 315 -17.48 -1.34 -14.43
C VAL A 315 -17.96 -2.75 -14.17
N TYR A 316 -17.01 -3.69 -14.09
CA TYR A 316 -17.28 -5.07 -13.69
C TYR A 316 -16.43 -5.34 -12.46
N CYS A 317 -17.06 -5.40 -11.30
CA CYS A 317 -16.36 -5.60 -10.05
C CYS A 317 -16.94 -6.76 -9.27
N GLY A 318 -16.48 -6.93 -8.03
CA GLY A 318 -17.02 -7.94 -7.15
C GLY A 318 -17.95 -7.34 -6.12
N ASN A 319 -18.89 -8.16 -5.66
CA ASN A 319 -19.81 -7.71 -4.62
C ASN A 319 -19.08 -7.36 -3.33
N ARG A 320 -17.86 -7.85 -3.14
CA ARG A 320 -17.06 -7.46 -1.99
C ARG A 320 -16.50 -6.05 -2.12
N GLN A 321 -16.58 -5.47 -3.32
CA GLN A 321 -16.09 -4.11 -3.55
C GLN A 321 -17.11 -3.22 -4.25
N LEU A 322 -18.31 -3.73 -4.55
CA LEU A 322 -19.31 -2.94 -5.26
C LEU A 322 -19.72 -1.72 -4.45
N HIS A 323 -19.86 -1.86 -3.13
CA HIS A 323 -20.34 -0.76 -2.32
C HIS A 323 -19.40 0.43 -2.38
N TRP A 324 -18.10 0.19 -2.64
CA TRP A 324 -17.19 1.30 -2.83
C TRP A 324 -17.53 2.10 -4.09
N PHE A 325 -17.79 1.42 -5.22
CA PHE A 325 -18.18 2.14 -6.42
C PHE A 325 -19.49 2.89 -6.23
N GLN A 326 -20.46 2.27 -5.56
CA GLN A 326 -21.72 2.96 -5.32
C GLN A 326 -21.51 4.15 -4.38
N ARG A 327 -20.59 4.05 -3.43
CA ARG A 327 -20.24 5.18 -2.60
C ARG A 327 -19.61 6.29 -3.42
N PHE A 328 -18.77 5.94 -4.40
CA PHE A 328 -18.19 6.95 -5.29
C PHE A 328 -19.29 7.70 -6.01
N LEU A 329 -20.20 6.97 -6.64
CA LEU A 329 -21.27 7.61 -7.41
C LEU A 329 -22.13 8.48 -6.51
N GLU A 330 -22.46 8.01 -5.30
CA GLU A 330 -23.34 8.76 -4.43
C GLU A 330 -22.64 9.97 -3.82
N ASP A 331 -21.33 9.90 -3.59
CA ASP A 331 -20.59 11.08 -3.14
C ASP A 331 -20.54 12.14 -4.23
N GLN A 332 -20.31 11.72 -5.48
CA GLN A 332 -20.35 12.68 -6.57
C GLN A 332 -21.73 13.32 -6.68
N GLN A 333 -22.79 12.52 -6.55
CA GLN A 333 -24.14 13.08 -6.58
C GLN A 333 -24.39 14.03 -5.41
N THR A 334 -23.90 13.69 -4.22
CA THR A 334 -24.08 14.54 -3.06
C THR A 334 -23.43 15.89 -3.27
N LYS A 335 -22.19 15.90 -3.78
CA LYS A 335 -21.55 17.18 -4.07
C LYS A 335 -22.28 17.94 -5.17
N ARG A 336 -22.78 17.23 -6.18
CA ARG A 336 -23.46 17.90 -7.29
C ARG A 336 -24.76 18.55 -6.83
N LYS A 337 -25.53 17.87 -5.97
CA LYS A 337 -26.82 18.41 -5.55
C LYS A 337 -26.64 19.69 -4.74
N SER A 338 -25.63 19.73 -3.87
CA SER A 338 -25.38 20.90 -3.05
C SER A 338 -24.67 22.03 -3.80
N LYS A 339 -24.55 21.93 -5.12
CA LYS A 339 -23.86 22.92 -5.94
C LYS A 339 -22.45 23.17 -5.42
N ASN A 340 -21.74 22.07 -5.13
CA ASN A 340 -20.34 22.08 -4.74
C ASN A 340 -20.12 22.88 -3.45
N GLN A 341 -20.78 22.43 -2.39
CA GLN A 341 -20.50 22.90 -1.03
C GLN A 341 -19.98 21.78 -0.14
N HIS A 342 -19.83 20.57 -0.66
CA HIS A 342 -19.19 19.47 0.03
C HIS A 342 -17.77 19.34 -0.51
N SER A 343 -16.79 19.44 0.38
CA SER A 343 -15.40 19.43 -0.06
C SER A 343 -15.03 18.10 -0.69
N SER A 344 -14.24 18.17 -1.76
CA SER A 344 -13.72 16.98 -2.41
C SER A 344 -12.52 16.39 -1.68
N GLY A 345 -12.27 16.82 -0.46
CA GLY A 345 -11.19 16.28 0.34
C GLY A 345 -11.69 15.22 1.29
N LEU A 346 -13.02 15.10 1.37
CA LEU A 346 -13.67 14.04 2.13
C LEU A 346 -14.25 12.96 1.23
N PHE A 347 -14.13 13.12 -0.09
CA PHE A 347 -14.53 12.06 -1.01
C PHE A 347 -13.75 10.79 -0.71
N THR A 348 -14.45 9.65 -0.72
CA THR A 348 -13.79 8.39 -0.41
C THR A 348 -12.71 8.07 -1.44
N LEU A 349 -13.01 8.25 -2.72
CA LEU A 349 -12.03 7.98 -3.76
C LEU A 349 -10.95 9.06 -3.75
N ARG A 350 -9.70 8.65 -3.91
CA ARG A 350 -8.59 9.61 -3.99
C ARG A 350 -7.93 9.60 -5.35
N ASN A 351 -7.43 8.46 -5.81
CA ASN A 351 -6.81 8.35 -7.12
C ASN A 351 -7.40 7.18 -7.88
N GLY A 352 -7.18 7.20 -9.19
CA GLY A 352 -7.58 6.10 -10.05
C GLY A 352 -6.47 5.75 -11.02
N HIS A 353 -6.37 4.47 -11.32
CA HIS A 353 -5.35 3.95 -12.21
C HIS A 353 -6.03 3.14 -13.31
N LEU A 354 -5.76 3.51 -14.57
CA LEU A 354 -6.30 2.79 -15.72
C LEU A 354 -5.20 1.91 -16.30
N VAL A 355 -5.02 0.75 -15.67
CA VAL A 355 -3.88 -0.13 -15.94
C VAL A 355 -4.31 -1.21 -16.91
N TRP A 356 -3.54 -1.39 -17.98
CA TRP A 356 -3.79 -2.48 -18.91
C TRP A 356 -3.21 -3.77 -18.34
N LEU A 357 -3.97 -4.86 -18.46
CA LEU A 357 -3.59 -6.15 -17.92
C LEU A 357 -3.21 -7.10 -19.05
N GLU A 358 -2.31 -8.02 -18.74
CA GLU A 358 -1.85 -8.98 -19.72
C GLU A 358 -2.95 -9.98 -20.06
N GLY A 359 -2.95 -10.45 -21.30
CA GLY A 359 -3.94 -11.40 -21.76
C GLY A 359 -3.36 -12.47 -22.65
N GLU A 360 -3.57 -13.74 -22.30
CA GLU A 360 -3.04 -14.85 -23.07
C GLU A 360 -3.84 -15.03 -24.35
N GLY A 361 -3.15 -15.00 -25.48
CA GLY A 361 -3.76 -15.17 -26.77
C GLY A 361 -3.04 -14.34 -27.81
N LYS A 362 -3.66 -14.24 -28.98
CA LYS A 362 -3.12 -13.47 -30.10
C LYS A 362 -4.21 -12.60 -30.70
N GLY A 363 -3.80 -11.46 -31.22
CA GLY A 363 -4.71 -10.49 -31.80
C GLY A 363 -4.30 -9.09 -31.39
N GLU A 364 -5.17 -8.13 -31.69
CA GLU A 364 -4.88 -6.75 -31.33
C GLU A 364 -4.77 -6.62 -29.82
N PRO A 365 -3.84 -5.81 -29.30
CA PRO A 365 -3.68 -5.73 -27.85
C PRO A 365 -4.68 -4.80 -27.20
N TRP A 366 -5.93 -4.86 -27.66
CA TRP A 366 -7.06 -4.28 -26.97
C TRP A 366 -8.28 -5.19 -26.98
N ASN A 367 -8.30 -6.21 -27.84
CA ASN A 367 -9.25 -7.30 -27.72
C ASN A 367 -8.69 -8.45 -26.88
N LEU A 368 -7.37 -8.59 -26.85
CA LEU A 368 -6.70 -9.61 -26.05
C LEU A 368 -6.02 -9.01 -24.83
N HIS A 369 -6.28 -7.75 -24.52
CA HIS A 369 -5.75 -7.11 -23.32
C HIS A 369 -6.90 -6.49 -22.55
N HIS A 370 -6.97 -6.79 -21.26
CA HIS A 370 -8.05 -6.33 -20.41
C HIS A 370 -7.61 -5.09 -19.64
N LEU A 371 -8.51 -4.12 -19.54
CA LEU A 371 -8.27 -2.87 -18.83
C LEU A 371 -8.88 -2.96 -17.44
N THR A 372 -8.11 -2.61 -16.42
CA THR A 372 -8.56 -2.68 -15.04
C THR A 372 -8.35 -1.32 -14.38
N LEU A 373 -9.35 -0.86 -13.66
CA LEU A 373 -9.27 0.40 -12.93
C LEU A 373 -9.05 0.12 -11.45
N TYR A 374 -8.09 0.82 -10.88
CA TYR A 374 -7.75 0.74 -9.46
C TYR A 374 -8.16 2.02 -8.78
N CYS A 375 -8.97 1.91 -7.74
CA CYS A 375 -9.45 3.04 -6.96
C CYS A 375 -8.72 3.05 -5.63
N CYS A 376 -8.08 4.18 -5.31
CA CYS A 376 -7.46 4.37 -4.01
C CYS A 376 -8.49 5.04 -3.10
N VAL A 377 -8.77 4.42 -1.96
CA VAL A 377 -9.75 4.93 -1.02
C VAL A 377 -9.18 4.91 0.38
N ASP A 378 -9.69 5.80 1.21
CA ASP A 378 -9.36 5.85 2.62
C ASP A 378 -10.49 5.21 3.40
N ASN A 379 -10.19 4.12 4.10
CA ASN A 379 -11.24 3.39 4.81
C ASN A 379 -11.88 4.21 5.91
N ARG A 380 -11.13 5.16 6.50
CA ARG A 380 -11.70 6.00 7.55
C ARG A 380 -12.89 6.80 7.04
N LEU A 381 -12.94 7.08 5.74
CA LEU A 381 -14.02 7.87 5.17
C LEU A 381 -15.29 7.09 4.96
N TRP A 382 -15.29 5.78 5.18
CA TRP A 382 -16.52 5.00 5.04
C TRP A 382 -17.50 5.33 6.16
N THR A 383 -17.02 5.37 7.39
CA THR A 383 -17.87 5.68 8.54
C THR A 383 -18.00 7.19 8.67
N GLU A 384 -18.55 7.65 9.79
CA GLU A 384 -18.67 9.08 10.03
C GLU A 384 -17.65 9.59 11.04
N GLU A 385 -17.42 8.87 12.13
CA GLU A 385 -16.43 9.33 13.11
C GLU A 385 -15.03 9.35 12.52
N GLY A 386 -14.68 8.33 11.74
CA GLY A 386 -13.44 8.39 10.99
C GLY A 386 -13.43 9.54 10.00
N THR A 387 -14.58 9.86 9.43
CA THR A 387 -14.68 11.05 8.59
C THR A 387 -14.38 12.30 9.40
N GLU A 388 -14.81 12.35 10.66
CA GLU A 388 -14.47 13.48 11.52
C GLU A 388 -12.98 13.54 11.81
N ILE A 389 -12.33 12.38 12.01
CA ILE A 389 -10.90 12.42 12.31
C ILE A 389 -10.11 12.85 11.08
N VAL A 390 -10.54 12.41 9.88
CA VAL A 390 -9.91 12.90 8.67
C VAL A 390 -10.20 14.38 8.47
N ARG A 391 -11.39 14.83 8.87
CA ARG A 391 -11.72 16.25 8.87
C ARG A 391 -10.75 17.05 9.71
N GLN A 392 -10.48 16.59 10.93
CA GLN A 392 -9.59 17.32 11.82
C GLN A 392 -8.16 17.27 11.31
N GLU A 393 -7.75 16.15 10.72
CA GLU A 393 -6.43 16.09 10.08
C GLU A 393 -6.32 17.12 8.96
N LYS A 394 -7.35 17.20 8.10
CA LYS A 394 -7.34 18.17 7.01
C LYS A 394 -7.33 19.59 7.55
N ALA A 395 -8.11 19.86 8.59
CA ALA A 395 -8.16 21.19 9.16
C ALA A 395 -6.81 21.61 9.72
N ASP A 396 -6.16 20.71 10.45
CA ASP A 396 -4.86 21.04 11.03
C ASP A 396 -3.82 21.27 9.94
N GLU A 397 -3.76 20.39 8.95
CA GLU A 397 -2.77 20.56 7.89
C GLU A 397 -3.01 21.83 7.08
N ILE A 398 -4.27 22.13 6.76
CA ILE A 398 -4.59 23.32 5.98
C ILE A 398 -4.27 24.58 6.78
N THR A 399 -4.62 24.61 8.06
CA THR A 399 -4.34 25.77 8.88
C THR A 399 -2.84 25.98 9.03
N LYS A 400 -2.08 24.90 9.23
CA LYS A 400 -0.63 25.04 9.30
C LYS A 400 -0.06 25.56 7.99
N PHE A 401 -0.55 25.05 6.86
CA PHE A 401 -0.06 25.49 5.56
C PHE A 401 -0.32 26.98 5.36
N ILE A 402 -1.55 27.42 5.62
CA ILE A 402 -1.88 28.82 5.37
C ILE A 402 -1.17 29.74 6.38
N THR A 403 -1.07 29.34 7.64
CA THR A 403 -0.39 30.17 8.62
C THR A 403 1.11 30.13 8.51
N ASN A 404 1.67 29.18 7.75
CA ASN A 404 3.11 29.14 7.53
C ASN A 404 3.52 29.88 6.28
N MET A 405 2.73 29.79 5.19
CA MET A 405 3.15 30.45 3.96
C MET A 405 2.49 31.81 3.75
N LYS A 406 1.30 32.04 4.30
CA LYS A 406 0.71 33.37 4.22
C LYS A 406 1.54 34.39 4.98
N LYS A 407 2.10 33.99 6.13
CA LYS A 407 2.86 34.91 6.97
C LYS A 407 4.13 35.42 6.30
N LYS A 408 4.59 34.77 5.25
CA LYS A 408 5.83 35.16 4.58
C LYS A 408 5.59 35.12 3.06
N SER A 409 6.68 35.23 2.31
CA SER A 409 6.74 35.08 0.85
C SER A 409 6.02 36.19 0.10
N ASP A 410 5.36 37.11 0.80
CA ASP A 410 4.72 38.31 0.26
C ASP A 410 3.66 37.99 -0.81
N LEU A 411 3.46 36.71 -1.10
CA LEU A 411 2.41 36.23 -2.00
C LEU A 411 2.45 36.90 -3.37
N SER A 412 1.40 36.73 -4.15
CA SER A 412 1.24 37.35 -5.46
C SER A 412 -0.20 37.12 -5.90
N ASP A 413 -0.50 37.46 -7.15
CA ASP A 413 -1.82 37.23 -7.70
C ASP A 413 -2.08 35.76 -8.04
N THR A 414 -1.17 34.87 -7.64
CA THR A 414 -1.31 33.44 -7.89
C THR A 414 -1.46 32.62 -6.62
N GLN A 415 -0.58 32.82 -5.64
CA GLN A 415 -0.69 32.07 -4.40
C GLN A 415 -1.72 32.64 -3.44
N GLN A 416 -2.18 33.87 -3.67
CA GLN A 416 -3.36 34.35 -2.94
C GLN A 416 -4.59 33.58 -3.37
N ALA A 417 -4.67 33.18 -4.64
CA ALA A 417 -5.72 32.27 -5.07
C ALA A 417 -5.59 30.94 -4.36
N LEU A 418 -4.37 30.48 -4.12
CA LEU A 418 -4.17 29.25 -3.36
C LEU A 418 -4.64 29.41 -1.91
N ILE A 419 -4.39 30.58 -1.31
CA ILE A 419 -4.89 30.84 0.03
C ILE A 419 -6.41 30.81 0.05
N GLN A 420 -7.04 31.46 -0.94
CA GLN A 420 -8.50 31.45 -1.01
C GLN A 420 -9.03 30.03 -1.20
N ARG A 421 -8.36 29.24 -2.02
CA ARG A 421 -8.82 27.88 -2.28
C ARG A 421 -8.66 27.00 -1.05
N LYS A 422 -7.57 27.15 -0.31
CA LYS A 422 -7.40 26.38 0.92
C LYS A 422 -8.40 26.82 1.98
N GLN A 423 -8.71 28.11 2.03
CA GLN A 423 -9.76 28.58 2.95
C GLN A 423 -11.12 28.00 2.57
N SER A 424 -11.42 27.94 1.28
CA SER A 424 -12.69 27.37 0.85
C SER A 424 -12.75 25.88 1.11
N THR A 425 -11.62 25.17 0.99
CA THR A 425 -11.59 23.77 1.39
C THR A 425 -11.81 23.62 2.88
N LEU A 426 -11.20 24.51 3.68
CA LEU A 426 -11.37 24.45 5.13
C LEU A 426 -12.83 24.66 5.52
N THR A 427 -13.52 25.60 4.86
CA THR A 427 -14.92 25.83 5.18
C THR A 427 -15.81 24.72 4.62
N ARG A 428 -15.51 24.22 3.43
CA ARG A 428 -16.28 23.16 2.81
C ARG A 428 -16.10 21.82 3.50
N ILE A 429 -15.09 21.68 4.35
CA ILE A 429 -14.83 20.41 4.99
C ILE A 429 -15.84 20.14 6.10
N ASN A 430 -16.48 21.19 6.63
CA ASN A 430 -17.38 21.05 7.77
C ASN A 430 -18.80 20.68 7.37
N ASN A 431 -19.24 21.06 6.17
CA ASN A 431 -20.55 20.67 5.66
C ASN A 431 -20.47 19.18 5.29
N SER A 432 -20.55 18.35 6.31
CA SER A 432 -20.17 16.94 6.20
C SER A 432 -21.21 16.15 5.42
N PHE A 433 -21.01 14.84 5.37
CA PHE A 433 -21.82 13.92 4.60
C PHE A 433 -22.61 13.02 5.53
N GLU A 434 -23.85 12.74 5.17
CA GLU A 434 -24.56 11.59 5.72
C GLU A 434 -23.72 10.33 5.48
N ARG A 435 -23.31 9.68 6.56
CA ARG A 435 -22.40 8.55 6.45
C ARG A 435 -22.78 7.48 7.46
N PRO A 436 -22.48 6.22 7.16
CA PRO A 436 -22.60 5.17 8.17
C PRO A 436 -21.93 5.59 9.47
N SER A 437 -22.55 5.21 10.58
CA SER A 437 -22.09 5.60 11.92
C SER A 437 -21.77 4.35 12.71
N GLN A 438 -20.55 3.84 12.54
CA GLN A 438 -20.04 2.75 13.36
C GLN A 438 -19.04 3.33 14.34
N PRO A 439 -19.32 3.27 15.65
CA PRO A 439 -18.49 3.99 16.62
C PRO A 439 -17.02 3.58 16.55
N LEU A 440 -16.16 4.56 16.84
CA LEU A 440 -14.72 4.35 16.71
C LEU A 440 -14.23 3.32 17.73
N TYR A 441 -13.29 2.48 17.30
CA TYR A 441 -12.69 1.48 18.16
C TYR A 441 -11.65 2.18 19.04
N GLN A 442 -11.92 2.23 20.34
CA GLN A 442 -10.99 2.81 21.31
C GLN A 442 -10.41 1.69 22.15
N GLY A 443 -9.09 1.60 22.16
CA GLY A 443 -8.38 0.59 22.94
C GLY A 443 -8.03 1.10 24.32
N GLN A 444 -7.05 0.44 24.92
CA GLN A 444 -6.56 0.83 26.24
C GLN A 444 -5.04 0.85 26.21
N SER A 445 -4.47 1.88 26.83
CA SER A 445 -3.02 2.00 26.88
C SER A 445 -2.38 0.90 27.72
N HIS A 446 -3.11 0.40 28.72
CA HIS A 446 -2.56 -0.64 29.59
C HIS A 446 -2.30 -1.93 28.82
N ILE A 447 -3.23 -2.32 27.95
CA ILE A 447 -3.19 -3.64 27.32
C ILE A 447 -2.41 -3.53 26.02
N LEU A 448 -1.32 -4.29 25.93
CA LEU A 448 -0.51 -4.37 24.72
C LEU A 448 -0.52 -5.81 24.22
N VAL A 449 -0.65 -5.97 22.91
CA VAL A 449 -0.59 -7.28 22.27
C VAL A 449 0.77 -7.39 21.61
N GLY A 450 1.60 -8.30 22.13
CA GLY A 450 2.93 -8.51 21.61
C GLY A 450 2.98 -9.73 20.73
N VAL A 451 3.40 -9.54 19.49
CA VAL A 451 3.60 -10.62 18.54
C VAL A 451 5.10 -10.83 18.40
N SER A 452 5.58 -11.96 18.92
CA SER A 452 7.01 -12.30 18.84
C SER A 452 7.20 -13.27 17.69
N LEU A 453 8.05 -12.89 16.74
CA LEU A 453 8.36 -13.74 15.61
C LEU A 453 9.56 -14.62 15.95
N GLY A 454 9.60 -15.79 15.32
CA GLY A 454 10.67 -16.74 15.57
C GLY A 454 10.80 -17.65 14.37
N LEU A 455 11.72 -18.61 14.50
CA LEU A 455 11.97 -19.53 13.38
C LEU A 455 11.15 -20.81 13.49
N GLU A 456 11.15 -21.43 14.66
CA GLU A 456 10.34 -22.63 14.85
C GLU A 456 8.85 -22.31 14.77
N LYS A 457 8.42 -21.30 15.53
CA LYS A 457 7.05 -20.81 15.48
C LYS A 457 7.06 -19.41 14.89
N PRO A 458 6.61 -19.21 13.65
CA PRO A 458 6.82 -17.92 12.98
C PRO A 458 6.18 -16.74 13.71
N ALA A 459 5.16 -16.96 14.53
CA ALA A 459 4.59 -15.88 15.32
C ALA A 459 3.88 -16.47 16.53
N THR A 460 4.05 -15.82 17.67
CA THR A 460 3.33 -16.18 18.88
C THR A 460 2.84 -14.90 19.54
N VAL A 461 1.58 -14.87 19.95
CA VAL A 461 0.92 -13.66 20.41
C VAL A 461 0.68 -13.76 21.91
N ALA A 462 0.90 -12.66 22.62
CA ALA A 462 0.54 -12.54 24.02
C ALA A 462 -0.22 -11.25 24.23
N VAL A 463 -1.23 -11.29 25.09
CA VAL A 463 -2.05 -10.11 25.38
C VAL A 463 -1.78 -9.77 26.84
N VAL A 464 -0.86 -8.84 27.07
CA VAL A 464 -0.41 -8.52 28.41
C VAL A 464 -0.87 -7.12 28.77
N ASP A 465 -1.50 -6.99 29.94
CA ASP A 465 -1.77 -5.68 30.51
C ASP A 465 -0.62 -5.35 31.46
N ALA A 466 0.00 -4.20 31.24
CA ALA A 466 1.21 -3.86 31.97
C ALA A 466 0.93 -3.27 33.35
N ILE A 467 -0.30 -2.84 33.61
CA ILE A 467 -0.60 -2.25 34.91
C ILE A 467 -0.58 -3.32 36.00
N ALA A 468 -1.20 -4.46 35.74
CA ALA A 468 -1.23 -5.56 36.70
C ALA A 468 -0.14 -6.59 36.46
N ASN A 469 0.68 -6.43 35.43
CA ASN A 469 1.80 -7.28 35.07
C ASN A 469 1.37 -8.69 34.65
N LYS A 470 0.07 -8.99 34.67
CA LYS A 470 -0.40 -10.29 34.25
C LYS A 470 -0.58 -10.31 32.73
N VAL A 471 -0.85 -11.50 32.20
CA VAL A 471 -1.08 -11.70 30.78
C VAL A 471 -2.49 -12.26 30.60
N LEU A 472 -3.25 -11.64 29.70
CA LEU A 472 -4.63 -12.05 29.50
C LEU A 472 -4.71 -13.40 28.80
N ALA A 473 -3.95 -13.58 27.72
CA ALA A 473 -4.05 -14.79 26.92
C ALA A 473 -2.86 -14.90 25.98
N TYR A 474 -2.32 -16.10 25.88
CA TYR A 474 -1.34 -16.43 24.86
C TYR A 474 -2.04 -17.16 23.72
N ARG A 475 -1.58 -16.93 22.50
CA ARG A 475 -2.10 -17.60 21.31
C ARG A 475 -0.93 -18.09 20.48
N SER A 476 -0.87 -19.39 20.27
CA SER A 476 0.19 -19.99 19.46
C SER A 476 -0.14 -19.81 17.98
N ILE A 477 0.80 -20.23 17.13
CA ILE A 477 0.57 -20.10 15.69
C ILE A 477 -0.57 -21.01 15.23
N LYS A 478 -0.76 -22.16 15.88
CA LYS A 478 -1.87 -23.03 15.53
C LYS A 478 -3.21 -22.39 15.87
N GLN A 479 -3.29 -21.74 17.03
CA GLN A 479 -4.54 -21.12 17.46
C GLN A 479 -4.96 -19.99 16.53
N LEU A 480 -4.01 -19.17 16.10
CA LEU A 480 -4.33 -18.06 15.20
C LEU A 480 -4.83 -18.57 13.85
N LEU A 481 -4.15 -19.55 13.27
CA LEU A 481 -4.50 -20.02 11.95
C LEU A 481 -5.76 -20.88 11.95
N GLY A 482 -6.02 -21.62 13.02
CA GLY A 482 -7.23 -22.39 13.13
C GLY A 482 -7.34 -23.51 12.12
N ASP A 483 -8.24 -23.36 11.14
CA ASP A 483 -8.43 -24.34 10.09
C ASP A 483 -7.49 -24.12 8.91
N ASN A 484 -6.61 -23.13 8.98
CA ASN A 484 -5.63 -22.86 7.94
C ASN A 484 -4.21 -23.23 8.36
N TYR A 485 -4.08 -24.05 9.41
CA TYR A 485 -2.75 -24.40 9.90
C TYR A 485 -2.01 -25.27 8.89
N GLU A 486 -2.72 -26.03 8.06
CA GLU A 486 -2.06 -26.82 7.03
C GLU A 486 -1.34 -25.94 6.02
N LEU A 487 -1.78 -24.69 5.88
CA LEU A 487 -1.11 -23.77 4.97
C LEU A 487 0.33 -23.51 5.41
N LEU A 488 0.60 -23.54 6.72
CA LEU A 488 1.97 -23.34 7.19
C LEU A 488 2.90 -24.43 6.67
N ASN A 489 2.47 -25.69 6.77
CA ASN A 489 3.29 -26.78 6.29
C ASN A 489 3.38 -26.78 4.78
N ARG A 490 2.29 -26.41 4.10
CA ARG A 490 2.35 -26.28 2.65
C ARG A 490 3.37 -25.24 2.24
N GLN A 491 3.39 -24.10 2.94
CA GLN A 491 4.35 -23.05 2.60
C GLN A 491 5.77 -23.47 2.92
N ARG A 492 5.97 -24.19 4.02
CA ARG A 492 7.32 -24.66 4.34
C ARG A 492 7.83 -25.63 3.27
N ARG A 493 6.98 -26.56 2.84
CA ARG A 493 7.35 -27.46 1.76
C ARG A 493 7.63 -26.70 0.48
N GLN A 494 6.80 -25.71 0.14
CA GLN A 494 7.00 -24.95 -1.08
C GLN A 494 8.29 -24.15 -1.03
N GLN A 495 8.61 -23.57 0.12
CA GLN A 495 9.87 -22.83 0.28
C GLN A 495 11.06 -23.77 0.10
N GLN A 496 11.00 -24.95 0.71
CA GLN A 496 12.07 -25.93 0.54
C GLN A 496 12.24 -26.31 -0.92
N TYR A 497 11.14 -26.60 -1.60
CA TYR A 497 11.18 -27.02 -3.00
C TYR A 497 11.71 -25.90 -3.89
N LEU A 498 11.26 -24.67 -3.66
CA LEU A 498 11.72 -23.55 -4.46
C LEU A 498 13.21 -23.30 -4.25
N SER A 499 13.69 -23.36 -3.00
CA SER A 499 15.11 -23.16 -2.76
C SER A 499 15.93 -24.27 -3.39
N HIS A 500 15.41 -25.50 -3.35
CA HIS A 500 16.12 -26.62 -3.97
C HIS A 500 16.27 -26.42 -5.47
N GLU A 501 15.18 -26.03 -6.15
CA GLU A 501 15.31 -25.82 -7.59
C GLU A 501 16.12 -24.58 -7.92
N ARG A 502 16.05 -23.54 -7.09
CA ARG A 502 16.83 -22.33 -7.36
C ARG A 502 18.33 -22.62 -7.23
N HIS A 503 18.72 -23.39 -6.23
CA HIS A 503 20.12 -23.80 -6.14
C HIS A 503 20.49 -24.75 -7.26
N LYS A 504 19.59 -25.68 -7.59
CA LYS A 504 19.88 -26.66 -8.64
C LYS A 504 19.98 -26.00 -10.01
N ALA A 505 19.16 -24.99 -10.27
CA ALA A 505 19.16 -24.30 -11.54
C ALA A 505 20.11 -23.11 -11.55
N GLN A 506 20.85 -22.88 -10.47
CA GLN A 506 21.82 -21.78 -10.47
C GLN A 506 23.02 -22.07 -11.35
N LYS A 507 23.16 -23.29 -11.86
CA LYS A 507 24.26 -23.65 -12.76
C LYS A 507 23.97 -23.15 -14.17
N ASN A 508 23.77 -21.84 -14.27
CA ASN A 508 23.52 -21.16 -15.55
C ASN A 508 22.33 -21.76 -16.30
N PHE A 509 21.26 -22.04 -15.57
CA PHE A 509 20.01 -22.50 -16.16
C PHE A 509 19.00 -21.37 -16.13
N SER A 510 17.79 -21.67 -16.60
CA SER A 510 16.70 -20.68 -16.62
C SER A 510 15.35 -21.38 -16.63
N PRO A 511 14.91 -21.93 -15.50
CA PRO A 511 13.60 -22.60 -15.46
C PRO A 511 12.46 -21.62 -15.31
N ASN A 512 11.25 -22.14 -15.13
CA ASN A 512 10.07 -21.31 -15.02
C ASN A 512 10.10 -20.48 -13.75
N GLN A 513 9.12 -19.57 -13.62
CA GLN A 513 8.93 -18.79 -12.40
C GLN A 513 8.21 -19.66 -11.39
N PHE A 514 8.95 -20.62 -10.83
CA PHE A 514 8.37 -21.61 -9.94
C PHE A 514 7.83 -20.95 -8.68
N GLY A 515 6.80 -21.58 -8.11
CA GLY A 515 6.18 -21.05 -6.90
C GLY A 515 5.56 -19.69 -7.11
N ALA A 516 4.87 -19.49 -8.24
CA ALA A 516 4.18 -18.24 -8.50
C ALA A 516 3.03 -18.00 -7.54
N SER A 517 2.63 -19.02 -6.78
CA SER A 517 1.54 -18.87 -5.84
C SER A 517 1.89 -17.84 -4.76
N GLU A 518 0.88 -17.09 -4.33
CA GLU A 518 1.03 -16.13 -3.25
C GLU A 518 0.69 -16.71 -1.89
N LEU A 519 0.93 -18.02 -1.71
CA LEU A 519 0.51 -18.70 -0.48
C LEU A 519 1.13 -18.05 0.75
N GLY A 520 2.40 -17.64 0.66
CA GLY A 520 3.02 -16.94 1.76
C GLY A 520 2.27 -15.67 2.11
N GLN A 521 1.88 -14.89 1.10
CA GLN A 521 1.09 -13.68 1.34
C GLN A 521 -0.27 -14.02 1.93
N HIS A 522 -0.88 -15.12 1.47
CA HIS A 522 -2.18 -15.51 2.01
C HIS A 522 -2.09 -15.85 3.49
N ILE A 523 -1.07 -16.61 3.88
CA ILE A 523 -0.90 -16.94 5.29
C ILE A 523 -0.55 -15.70 6.08
N ASP A 524 0.22 -14.78 5.48
CA ASP A 524 0.53 -13.53 6.17
C ASP A 524 -0.75 -12.78 6.48
N ARG A 525 -1.64 -12.68 5.50
CA ARG A 525 -2.89 -11.96 5.68
C ARG A 525 -3.79 -12.65 6.70
N LEU A 526 -3.85 -13.98 6.67
CA LEU A 526 -4.61 -14.72 7.68
C LEU A 526 -4.08 -14.45 9.07
N LEU A 527 -2.76 -14.49 9.24
CA LEU A 527 -2.16 -14.22 10.53
C LEU A 527 -2.43 -12.81 11.00
N ALA A 528 -2.31 -11.83 10.10
CA ALA A 528 -2.55 -10.44 10.46
C ALA A 528 -4.00 -10.23 10.90
N LYS A 529 -4.94 -10.81 10.14
CA LYS A 529 -6.35 -10.67 10.50
C LYS A 529 -6.64 -11.32 11.84
N ALA A 530 -6.11 -12.52 12.06
CA ALA A 530 -6.36 -13.21 13.33
C ALA A 530 -5.76 -12.44 14.50
N ILE A 531 -4.56 -11.89 14.33
CA ILE A 531 -3.93 -11.12 15.39
C ILE A 531 -4.73 -9.87 15.70
N VAL A 532 -5.21 -9.17 14.66
CA VAL A 532 -5.99 -7.96 14.89
C VAL A 532 -7.33 -8.30 15.53
N ALA A 533 -7.93 -9.43 15.14
CA ALA A 533 -9.18 -9.86 15.77
C ALA A 533 -8.96 -10.16 17.25
N LEU A 534 -7.88 -10.86 17.59
CA LEU A 534 -7.57 -11.12 18.99
C LEU A 534 -7.26 -9.84 19.74
N ALA A 535 -6.67 -8.86 19.06
CA ALA A 535 -6.43 -7.56 19.68
C ALA A 535 -7.75 -6.85 20.00
N ARG A 536 -8.69 -6.89 19.06
CA ARG A 536 -9.99 -6.27 19.30
C ARG A 536 -10.75 -6.95 20.44
N THR A 537 -10.72 -8.28 20.46
CA THR A 537 -11.52 -9.03 21.44
C THR A 537 -11.12 -8.65 22.86
N TYR A 538 -9.85 -8.38 23.10
CA TYR A 538 -9.37 -7.94 24.40
C TYR A 538 -9.23 -6.43 24.48
N LYS A 539 -9.63 -5.70 23.44
CA LYS A 539 -9.67 -4.23 23.44
C LYS A 539 -8.30 -3.65 23.74
N ALA A 540 -7.34 -3.94 22.86
CA ALA A 540 -5.97 -3.48 22.99
C ALA A 540 -5.67 -2.49 21.86
N GLY A 541 -5.23 -1.30 22.22
CA GLY A 541 -4.94 -0.27 21.25
C GLY A 541 -3.47 -0.20 20.89
N SER A 542 -2.74 -1.28 21.14
CA SER A 542 -1.30 -1.30 20.87
C SER A 542 -0.89 -2.72 20.55
N ILE A 543 -0.48 -2.98 19.31
CA ILE A 543 0.13 -4.24 18.91
C ILE A 543 1.63 -4.01 18.80
N VAL A 544 2.42 -4.83 19.48
CA VAL A 544 3.86 -4.67 19.55
C VAL A 544 4.51 -5.66 18.59
N LEU A 545 5.45 -5.18 17.80
CA LEU A 545 6.13 -5.98 16.79
C LEU A 545 7.64 -5.80 16.93
N PRO A 546 8.42 -6.79 16.50
CA PRO A 546 9.87 -6.61 16.47
C PRO A 546 10.30 -5.86 15.22
N LYS A 547 11.50 -5.28 15.30
CA LYS A 547 12.07 -4.61 14.15
C LYS A 547 12.51 -5.63 13.11
N LEU A 548 12.40 -5.24 11.83
CA LEU A 548 12.83 -6.12 10.75
C LEU A 548 14.34 -6.31 10.74
N GLY A 549 15.10 -5.23 10.98
CA GLY A 549 16.54 -5.32 10.91
C GLY A 549 17.13 -6.25 11.95
N ASP A 550 16.61 -6.18 13.18
CA ASP A 550 17.10 -7.05 14.24
C ASP A 550 16.86 -8.52 13.91
N MET A 551 15.79 -8.80 13.16
CA MET A 551 15.33 -10.17 12.99
C MET A 551 16.37 -11.06 12.33
N ARG A 552 17.19 -10.50 11.43
CA ARG A 552 18.19 -11.31 10.75
C ARG A 552 19.16 -11.97 11.73
N GLU A 553 19.29 -11.44 12.93
CA GLU A 553 20.09 -12.07 13.97
C GLU A 553 19.29 -13.08 14.77
N VAL A 554 18.01 -12.81 15.03
CA VAL A 554 17.24 -13.65 15.94
C VAL A 554 17.11 -15.06 15.37
N VAL A 555 16.74 -15.17 14.10
CA VAL A 555 16.66 -16.49 13.47
C VAL A 555 18.02 -17.15 13.44
N GLN A 556 19.09 -16.36 13.43
CA GLN A 556 20.43 -16.93 13.54
C GLN A 556 20.77 -17.33 14.97
N SER A 557 20.25 -16.58 15.96
CA SER A 557 20.53 -16.88 17.36
C SER A 557 19.50 -17.81 17.98
N GLU A 558 18.47 -18.19 17.23
CA GLU A 558 17.49 -19.16 17.72
C GLU A 558 17.87 -20.58 17.33
N ILE A 559 18.29 -20.78 16.07
CA ILE A 559 18.58 -22.12 15.59
C ILE A 559 19.68 -22.77 16.44
N GLN A 560 20.73 -22.02 16.74
CA GLN A 560 21.78 -22.55 17.61
C GLN A 560 21.21 -22.92 18.98
N ALA A 561 20.34 -22.06 19.53
CA ALA A 561 19.72 -22.38 20.81
C ALA A 561 18.86 -23.63 20.71
N ILE A 562 18.36 -23.95 19.52
CA ILE A 562 17.66 -25.21 19.34
C ILE A 562 18.63 -26.38 19.40
N ALA A 563 19.80 -26.22 18.77
CA ALA A 563 20.79 -27.29 18.76
C ALA A 563 21.24 -27.65 20.16
N GLU A 564 21.50 -26.64 21.00
CA GLU A 564 21.91 -26.91 22.37
C GLU A 564 20.82 -27.61 23.16
N GLN A 565 19.58 -27.62 22.67
CA GLN A 565 18.54 -28.40 23.32
C GLN A 565 18.65 -29.89 23.02
N LYS A 566 19.15 -30.25 21.83
CA LYS A 566 19.23 -31.64 21.42
C LYS A 566 20.61 -32.25 21.63
N PHE A 567 21.68 -31.51 21.32
CA PHE A 567 23.06 -31.99 21.50
C PHE A 567 23.82 -30.95 22.33
N PRO A 568 23.65 -30.97 23.65
CA PRO A 568 24.37 -30.02 24.51
C PRO A 568 25.85 -30.38 24.60
N GLY A 569 26.69 -29.45 24.16
CA GLY A 569 28.12 -29.67 24.21
C GLY A 569 28.70 -30.48 23.07
N TYR A 570 27.86 -30.96 22.14
CA TYR A 570 28.32 -31.71 20.97
C TYR A 570 28.31 -30.74 19.80
N ILE A 571 29.45 -30.09 19.57
CA ILE A 571 29.50 -28.99 18.61
C ILE A 571 29.29 -29.50 17.19
N GLU A 572 29.89 -30.64 16.84
CA GLU A 572 29.66 -31.21 15.53
C GLU A 572 28.19 -31.60 15.35
N GLY A 573 27.59 -32.19 16.38
CA GLY A 573 26.16 -32.45 16.34
C GLY A 573 25.36 -31.17 16.21
N GLN A 574 25.79 -30.11 16.92
CA GLN A 574 25.13 -28.82 16.80
C GLN A 574 25.12 -28.34 15.36
N GLN A 575 26.28 -28.35 14.70
CA GLN A 575 26.36 -27.85 13.33
C GLN A 575 25.55 -28.73 12.37
N LYS A 576 25.65 -30.05 12.52
CA LYS A 576 24.91 -30.94 11.62
C LYS A 576 23.41 -30.75 11.77
N TYR A 577 22.92 -30.72 13.01
CA TYR A 577 21.49 -30.53 13.23
C TYR A 577 21.05 -29.15 12.77
N ALA A 578 21.88 -28.13 12.98
CA ALA A 578 21.52 -26.80 12.51
C ALA A 578 21.37 -26.77 11.00
N LYS A 579 22.29 -27.42 10.29
CA LYS A 579 22.19 -27.44 8.82
C LYS A 579 20.94 -28.17 8.37
N GLN A 580 20.66 -29.34 8.95
CA GLN A 580 19.47 -30.08 8.53
C GLN A 580 18.20 -29.32 8.87
N TYR A 581 18.15 -28.68 10.04
CA TYR A 581 16.99 -27.88 10.42
C TYR A 581 16.79 -26.71 9.48
N ARG A 582 17.88 -25.99 9.15
CA ARG A 582 17.77 -24.88 8.23
C ARG A 582 17.31 -25.35 6.86
N VAL A 583 17.67 -26.57 6.48
CA VAL A 583 17.13 -27.15 5.25
C VAL A 583 15.62 -27.34 5.38
N ASN A 584 15.17 -27.88 6.51
CA ASN A 584 13.75 -28.18 6.66
C ASN A 584 12.92 -26.94 6.95
N VAL A 585 13.44 -26.00 7.74
CA VAL A 585 12.70 -24.81 8.13
C VAL A 585 13.53 -23.59 7.76
N HIS A 586 12.97 -22.74 6.90
CA HIS A 586 13.64 -21.53 6.45
C HIS A 586 13.04 -20.31 7.14
N ARG A 587 13.55 -19.13 6.78
CA ARG A 587 12.92 -17.90 7.20
C ARG A 587 11.56 -17.77 6.55
N TRP A 588 10.58 -17.25 7.30
CA TRP A 588 9.20 -17.18 6.84
C TRP A 588 8.76 -15.72 6.75
N SER A 589 9.13 -15.06 5.65
CA SER A 589 8.55 -13.80 5.19
C SER A 589 8.25 -12.85 6.35
N TYR A 590 9.30 -12.46 7.07
CA TYR A 590 9.08 -11.65 8.26
C TYR A 590 8.81 -10.19 7.95
N GLY A 591 9.01 -9.76 6.71
CA GLY A 591 8.77 -8.37 6.34
C GLY A 591 7.34 -8.13 5.93
N ARG A 592 6.84 -8.95 5.01
CA ARG A 592 5.44 -8.81 4.60
C ARG A 592 4.48 -9.08 5.73
N LEU A 593 4.85 -9.94 6.68
CA LEU A 593 4.00 -10.17 7.84
C LEU A 593 3.84 -8.90 8.65
N ILE A 594 4.95 -8.21 8.93
CA ILE A 594 4.88 -6.96 9.66
C ILE A 594 4.09 -5.93 8.88
N GLN A 595 4.31 -5.87 7.57
CA GLN A 595 3.59 -4.88 6.76
C GLN A 595 2.08 -5.12 6.79
N SER A 596 1.65 -6.37 6.66
CA SER A 596 0.21 -6.65 6.66
C SER A 596 -0.40 -6.50 8.04
N ILE A 597 0.34 -6.84 9.10
CA ILE A 597 -0.16 -6.59 10.44
C ILE A 597 -0.35 -5.09 10.65
N GLN A 598 0.60 -4.28 10.16
CA GLN A 598 0.45 -2.84 10.24
C GLN A 598 -0.77 -2.36 9.46
N SER A 599 -0.98 -2.92 8.26
CA SER A 599 -2.12 -2.51 7.45
C SER A 599 -3.44 -2.81 8.16
N LYS A 600 -3.58 -4.02 8.68
CA LYS A 600 -4.82 -4.39 9.36
C LYS A 600 -5.01 -3.60 10.66
N ALA A 601 -3.92 -3.36 11.40
CA ALA A 601 -4.04 -2.58 12.62
C ALA A 601 -4.43 -1.14 12.34
N ALA A 602 -3.88 -0.56 11.27
CA ALA A 602 -4.27 0.79 10.87
C ALA A 602 -5.73 0.84 10.43
N GLN A 603 -6.17 -0.18 9.68
CA GLN A 603 -7.56 -0.20 9.26
C GLN A 603 -8.51 -0.31 10.44
N THR A 604 -8.19 -1.18 11.40
CA THR A 604 -9.07 -1.32 12.56
C THR A 604 -8.99 -0.11 13.48
N GLY A 605 -7.80 0.42 13.70
CA GLY A 605 -7.62 1.55 14.58
C GLY A 605 -6.66 1.26 15.71
N ILE A 606 -5.73 0.33 15.49
CA ILE A 606 -4.82 -0.16 16.51
C ILE A 606 -3.43 0.36 16.20
N VAL A 607 -2.77 0.92 17.21
CA VAL A 607 -1.46 1.53 17.05
C VAL A 607 -0.39 0.44 17.04
N ILE A 608 0.47 0.45 16.04
CA ILE A 608 1.57 -0.49 15.95
C ILE A 608 2.80 0.13 16.59
N GLU A 609 3.44 -0.61 17.50
CA GLU A 609 4.62 -0.15 18.20
C GLU A 609 5.76 -1.12 17.96
N GLU A 610 6.99 -0.65 18.18
CA GLU A 610 8.19 -1.44 17.94
C GLU A 610 8.85 -1.76 19.28
N GLY A 611 9.26 -3.01 19.46
CA GLY A 611 9.88 -3.41 20.70
C GLY A 611 11.20 -4.15 20.52
N LYS A 612 11.74 -4.66 21.63
CA LYS A 612 13.00 -5.40 21.63
C LYS A 612 12.70 -6.81 22.10
N GLN A 613 12.71 -7.75 21.17
CA GLN A 613 12.42 -9.15 21.49
C GLN A 613 13.63 -9.79 22.15
N PRO A 614 13.49 -10.37 23.34
CA PRO A 614 14.62 -11.08 23.95
C PRO A 614 15.07 -12.23 23.09
N ILE A 615 16.39 -12.45 23.07
CA ILE A 615 16.97 -13.53 22.25
C ILE A 615 16.86 -14.89 22.91
N ARG A 616 16.40 -14.95 24.16
CA ARG A 616 16.36 -16.19 24.93
C ARG A 616 14.98 -16.38 25.53
N GLY A 617 14.49 -17.61 25.49
CA GLY A 617 13.25 -17.97 26.15
C GLY A 617 12.26 -18.62 25.18
N SER A 618 11.18 -19.12 25.78
CA SER A 618 10.10 -19.72 25.02
C SER A 618 9.37 -18.65 24.23
N PRO A 619 8.65 -19.04 23.16
CA PRO A 619 7.93 -18.04 22.37
C PRO A 619 6.93 -17.22 23.19
N HIS A 620 6.25 -17.84 24.15
CA HIS A 620 5.29 -17.11 24.96
C HIS A 620 5.97 -16.07 25.83
N ASP A 621 7.07 -16.46 26.48
CA ASP A 621 7.85 -15.51 27.27
C ASP A 621 8.43 -14.41 26.39
N LYS A 622 8.89 -14.76 25.20
CA LYS A 622 9.41 -13.75 24.29
C LYS A 622 8.34 -12.74 23.93
N ALA A 623 7.12 -13.19 23.63
CA ALA A 623 6.05 -12.26 23.29
C ALA A 623 5.70 -11.37 24.47
N LYS A 624 5.56 -11.97 25.66
CA LYS A 624 5.20 -11.19 26.84
C LYS A 624 6.25 -10.14 27.14
N GLU A 625 7.53 -10.54 27.11
CA GLU A 625 8.60 -9.60 27.40
C GLU A 625 8.73 -8.55 26.31
N LEU A 626 8.46 -8.91 25.05
CA LEU A 626 8.47 -7.92 23.99
C LEU A 626 7.45 -6.83 24.24
N ALA A 627 6.21 -7.22 24.55
CA ALA A 627 5.18 -6.21 24.81
C ALA A 627 5.47 -5.42 26.07
N LEU A 628 5.96 -6.07 27.12
CA LEU A 628 6.27 -5.36 28.36
C LEU A 628 7.41 -4.36 28.15
N SER A 629 8.45 -4.75 27.41
CA SER A 629 9.54 -3.82 27.12
C SER A 629 9.07 -2.67 26.27
N ALA A 630 8.16 -2.92 25.34
CA ALA A 630 7.58 -1.83 24.56
C ALA A 630 6.86 -0.85 25.47
N TYR A 631 6.07 -1.35 26.42
CA TYR A 631 5.39 -0.46 27.35
C TYR A 631 6.37 0.33 28.20
N ASN A 632 7.44 -0.34 28.66
CA ASN A 632 8.42 0.34 29.51
C ASN A 632 9.17 1.42 28.74
N LEU A 633 9.46 1.16 27.46
CA LEU A 633 10.05 2.21 26.62
C LEU A 633 9.06 3.35 26.42
N ARG A 634 7.78 3.02 26.25
CA ARG A 634 6.79 4.06 26.01
C ARG A 634 6.63 4.97 27.22
N LEU A 635 6.64 4.41 28.43
CA LEU A 635 6.33 5.20 29.62
C LEU A 635 7.28 6.39 29.77
N THR A 636 8.54 6.22 29.36
CA THR A 636 9.50 7.33 29.45
C THR A 636 9.08 8.49 28.56
N ARG A 637 8.61 8.20 27.35
CA ARG A 637 8.22 9.23 26.41
C ARG A 637 6.73 9.21 26.14
#